data_4EUF
#
_entry.id   4EUF
#
_cell.length_a   57.687
_cell.length_b   69.964
_cell.length_c   101.629
_cell.angle_alpha   90.000
_cell.angle_beta   90.000
_cell.angle_gamma   90.000
#
_symmetry.space_group_name_H-M   'P 21 21 21'
#
loop_
_entity.id
_entity.type
_entity.pdbx_description
1 polymer 'Putative reductase CA_C0462'
2 non-polymer NICOTINAMIDE-ADENINE-DINUCLEOTIDE
3 non-polymer 'SODIUM ION'
4 water water
#
_entity_poly.entity_id   1
_entity_poly.type   'polypeptide(L)'
_entity_poly.pdbx_seq_one_letter_code
;MGSSHHHHHHSSGLVPRGSHMIVKAKFVKGFIRDVHPYGCRREVLNQIDYCKKAIGFRGPKKVLIVGASSGFGLATRISV
AFGGPEAHTIGVSYETGATDRRIGTAGWYNNIFFKEFAKKKGLVAKNFIEDAFSNETKDKVIKYIKDEFGKIDLFVYSLA
APRRKDYKTGNVYTSRIKTILGDFEGPTIDVERDEITLKKVSSASIEEIEETRKVMGGEDWQEWCEELLYEDCFSDKATT
IAYSYIGSPRTYKIYREGTIGIAKKDLEDKAKLINEKLNRVIGGRAFVSVNKALVTKASAYIPTFPLYAAILYKVMKEKN
IHENCIMQIERMFSEKIYSNEKIQFDDKGRLRMDDLELRKDVQDEVDRIWSNITPENFKELSDYKGYKKEFMNLNGFDLD
GVDYSKDLDIELLRKLEP
;
_entity_poly.pdbx_strand_id   A
#
loop_
_chem_comp.id
_chem_comp.type
_chem_comp.name
_chem_comp.formula
NA non-polymer 'SODIUM ION' 'Na 1'
NAD non-polymer NICOTINAMIDE-ADENINE-DINUCLEOTIDE 'C21 H27 N7 O14 P2'
#
# COMPACT_ATOMS: atom_id res chain seq x y z
N GLY A 30 -14.40 -13.75 26.45
CA GLY A 30 -13.26 -13.31 25.60
C GLY A 30 -13.60 -12.17 24.63
N PHE A 31 -12.61 -11.35 24.29
CA PHE A 31 -12.82 -10.15 23.48
C PHE A 31 -11.96 -10.09 22.22
N ILE A 32 -12.43 -9.31 21.24
CA ILE A 32 -11.62 -8.95 20.07
C ILE A 32 -10.48 -8.04 20.51
N ARG A 33 -9.41 -8.01 19.72
CA ARG A 33 -8.27 -7.14 20.02
C ARG A 33 -8.14 -5.94 19.02
N ASP A 34 -7.19 -6.16 18.08
CA ASP A 34 -6.80 -5.13 17.17
C ASP A 34 -7.58 -5.24 15.87
N VAL A 35 -8.09 -6.43 15.58
CA VAL A 35 -8.84 -6.66 14.35
C VAL A 35 -10.25 -7.22 14.54
N HIS A 36 -11.21 -6.52 13.96
CA HIS A 36 -12.58 -6.99 13.78
C HIS A 36 -12.79 -7.63 12.39
N PRO A 37 -12.99 -8.98 12.33
CA PRO A 37 -13.14 -9.79 11.11
C PRO A 37 -14.27 -9.38 10.16
N TYR A 38 -15.39 -8.90 10.69
CA TYR A 38 -16.49 -8.51 9.83
C TYR A 38 -16.47 -7.04 9.48
N GLY A 39 -15.81 -6.24 10.32
CA GLY A 39 -15.48 -4.86 9.96
C GLY A 39 -14.53 -4.89 8.77
N CYS A 40 -13.69 -5.92 8.72
CA CYS A 40 -12.80 -6.12 7.59
C CYS A 40 -13.57 -6.49 6.32
N ARG A 41 -14.58 -7.35 6.46
CA ARG A 41 -15.47 -7.71 5.35
C ARG A 41 -16.06 -6.43 4.77
N ARG A 42 -16.58 -5.59 5.65
CA ARG A 42 -17.33 -4.41 5.28
C ARG A 42 -16.42 -3.37 4.62
N GLU A 43 -15.21 -3.24 5.14
CA GLU A 43 -14.25 -2.30 4.61
C GLU A 43 -13.84 -2.66 3.19
N VAL A 44 -13.64 -3.96 2.93
CA VAL A 44 -13.31 -4.44 1.60
C VAL A 44 -14.49 -4.10 0.72
N LEU A 45 -15.68 -4.43 1.21
CA LEU A 45 -16.93 -4.19 0.52
C LEU A 45 -17.12 -2.72 0.23
N ASN A 46 -16.77 -1.84 1.16
CA ASN A 46 -16.92 -0.42 0.89
C ASN A 46 -16.08 0.08 -0.28
N GLN A 47 -14.96 -0.57 -0.49
CA GLN A 47 -14.02 -0.21 -1.52
C GLN A 47 -14.48 -0.83 -2.83
N ILE A 48 -15.03 -2.04 -2.76
CA ILE A 48 -15.69 -2.66 -3.89
C ILE A 48 -16.86 -1.81 -4.42
N ASP A 49 -17.66 -1.27 -3.51
CA ASP A 49 -18.81 -0.49 -3.89
C ASP A 49 -18.42 0.84 -4.54
N TYR A 50 -17.38 1.49 -4.01
CA TYR A 50 -16.77 2.66 -4.66
C TYR A 50 -16.35 2.33 -6.10
N CYS A 51 -15.70 1.18 -6.29
CA CYS A 51 -15.20 0.75 -7.60
C CYS A 51 -16.33 0.44 -8.58
N LYS A 52 -17.35 -0.28 -8.08
CA LYS A 52 -18.51 -0.68 -8.91
C LYS A 52 -19.24 0.52 -9.47
N LYS A 53 -19.21 1.62 -8.73
CA LYS A 53 -19.95 2.81 -9.08
C LYS A 53 -19.19 3.78 -9.95
N ALA A 54 -17.87 3.62 -9.99
CA ALA A 54 -17.02 4.58 -10.71
C ALA A 54 -17.17 4.48 -12.23
N ILE A 55 -16.71 5.52 -12.92
CA ILE A 55 -16.71 5.61 -14.39
C ILE A 55 -16.14 4.39 -15.12
N GLY A 56 -15.46 3.47 -14.44
CA GLY A 56 -15.00 2.24 -15.11
C GLY A 56 -13.92 2.47 -16.16
N PHE A 57 -12.95 1.57 -16.20
CA PHE A 57 -11.86 1.64 -17.18
C PHE A 57 -11.60 0.24 -17.71
N ARG A 58 -10.79 0.13 -18.77
CA ARG A 58 -10.38 -1.19 -19.25
C ARG A 58 -8.87 -1.24 -19.45
N GLY A 59 -8.33 -2.45 -19.61
CA GLY A 59 -6.89 -2.64 -19.77
C GLY A 59 -6.40 -4.00 -19.29
N PRO A 60 -6.06 -4.12 -17.99
CA PRO A 60 -5.50 -5.37 -17.46
C PRO A 60 -6.55 -6.45 -17.37
N LYS A 61 -6.15 -7.71 -17.56
CA LYS A 61 -7.08 -8.83 -17.43
C LYS A 61 -6.48 -9.92 -16.52
N LYS A 62 -5.16 -10.07 -16.59
CA LYS A 62 -4.44 -11.04 -15.80
C LYS A 62 -3.47 -10.27 -14.90
N VAL A 63 -3.75 -10.27 -13.60
CA VAL A 63 -3.04 -9.41 -12.68
C VAL A 63 -2.36 -10.18 -11.53
N LEU A 64 -1.08 -9.89 -11.31
CA LEU A 64 -0.37 -10.36 -10.12
C LEU A 64 -0.05 -9.20 -9.16
N ILE A 65 -0.48 -9.34 -7.92
CA ILE A 65 -0.08 -8.42 -6.86
C ILE A 65 0.71 -9.10 -5.71
N VAL A 66 1.93 -8.65 -5.49
CA VAL A 66 2.69 -8.97 -4.26
C VAL A 66 2.34 -7.91 -3.20
N GLY A 67 2.00 -8.39 -2.00
CA GLY A 67 1.44 -7.54 -0.96
C GLY A 67 0.01 -7.15 -1.27
N ALA A 68 -0.85 -8.15 -1.40
CA ALA A 68 -2.25 -7.96 -1.85
C ALA A 68 -3.28 -7.75 -0.74
N SER A 69 -2.91 -8.05 0.50
CA SER A 69 -3.87 -8.13 1.59
C SER A 69 -4.22 -6.81 2.30
N SER A 70 -3.58 -5.72 1.92
CA SER A 70 -3.85 -4.44 2.59
C SER A 70 -3.32 -3.24 1.82
N GLY A 71 -3.71 -2.06 2.30
CA GLY A 71 -3.27 -0.79 1.75
C GLY A 71 -3.48 -0.72 0.26
N PHE A 72 -2.39 -0.41 -0.44
CA PHE A 72 -2.45 -0.21 -1.87
C PHE A 72 -2.56 -1.53 -2.65
N GLY A 73 -1.93 -2.59 -2.15
CA GLY A 73 -2.07 -3.90 -2.78
C GLY A 73 -3.54 -4.32 -2.86
N LEU A 74 -4.24 -4.19 -1.73
CA LEU A 74 -5.65 -4.47 -1.62
C LEU A 74 -6.45 -3.59 -2.57
N ALA A 75 -6.16 -2.30 -2.55
CA ALA A 75 -6.96 -1.33 -3.28
C ALA A 75 -6.74 -1.52 -4.77
N THR A 76 -5.49 -1.76 -5.16
CA THR A 76 -5.12 -2.09 -6.52
C THR A 76 -5.89 -3.33 -6.99
N ARG A 77 -6.04 -4.33 -6.11
CA ARG A 77 -6.69 -5.58 -6.46
C ARG A 77 -8.18 -5.39 -6.65
N ILE A 78 -8.78 -4.61 -5.77
CA ILE A 78 -10.19 -4.27 -5.87
C ILE A 78 -10.41 -3.36 -7.07
N SER A 79 -9.51 -2.39 -7.28
CA SER A 79 -9.62 -1.52 -8.42
C SER A 79 -9.49 -2.22 -9.79
N VAL A 80 -8.80 -3.36 -9.85
CA VAL A 80 -8.71 -4.02 -11.14
C VAL A 80 -9.82 -5.04 -11.34
N ALA A 81 -10.35 -5.57 -10.24
CA ALA A 81 -11.41 -6.55 -10.27
C ALA A 81 -12.79 -5.93 -10.44
N PHE A 82 -13.06 -4.79 -9.80
CA PHE A 82 -14.39 -4.17 -9.90
C PHE A 82 -14.32 -2.78 -10.48
N GLY A 83 -13.15 -2.39 -10.95
CA GLY A 83 -13.02 -1.16 -11.70
C GLY A 83 -13.65 -1.30 -13.08
N GLY A 84 -13.97 -2.52 -13.49
CA GLY A 84 -14.61 -2.71 -14.78
C GLY A 84 -13.76 -3.42 -15.81
N PRO A 85 -12.45 -3.58 -15.57
CA PRO A 85 -11.66 -4.58 -16.27
C PRO A 85 -12.02 -6.00 -15.88
N GLU A 86 -12.86 -6.18 -14.87
CA GLU A 86 -13.20 -7.54 -14.46
C GLU A 86 -11.99 -8.45 -14.71
N ALA A 87 -10.91 -8.17 -14.00
CA ALA A 87 -9.62 -8.84 -14.14
C ALA A 87 -9.42 -9.96 -13.12
N HIS A 88 -8.62 -10.96 -13.48
CA HIS A 88 -8.35 -12.04 -12.55
C HIS A 88 -7.04 -11.77 -11.81
N THR A 89 -6.97 -12.21 -10.56
CA THR A 89 -5.90 -11.74 -9.69
C THR A 89 -5.30 -12.86 -8.85
N ILE A 90 -3.98 -12.77 -8.69
CA ILE A 90 -3.26 -13.57 -7.75
C ILE A 90 -2.72 -12.62 -6.72
N GLY A 91 -3.11 -12.82 -5.47
CA GLY A 91 -2.56 -12.05 -4.39
C GLY A 91 -1.50 -12.84 -3.65
N VAL A 92 -0.30 -12.26 -3.56
CA VAL A 92 0.69 -12.77 -2.63
C VAL A 92 0.73 -11.81 -1.42
N SER A 93 0.77 -12.39 -0.22
CA SER A 93 0.74 -11.62 1.02
C SER A 93 1.21 -12.51 2.14
N TYR A 94 1.63 -11.93 3.26
CA TYR A 94 1.93 -12.76 4.42
C TYR A 94 1.13 -12.40 5.67
N GLU A 95 0.27 -13.32 6.09
CA GLU A 95 -0.69 -13.06 7.15
C GLU A 95 -0.99 -14.38 7.83
N THR A 96 -1.53 -14.31 9.04
CA THR A 96 -1.95 -15.52 9.74
C THR A 96 -3.41 -15.39 10.19
N GLY A 97 -4.05 -16.52 10.47
CA GLY A 97 -5.47 -16.52 10.80
C GLY A 97 -5.83 -16.93 12.22
N ALA A 98 -7.08 -17.36 12.37
CA ALA A 98 -7.59 -17.71 13.68
C ALA A 98 -7.29 -19.14 14.04
N THR A 99 -6.79 -19.31 15.26
CA THR A 99 -6.71 -20.61 15.91
C THR A 99 -7.78 -20.56 17.00
N ASP A 100 -7.81 -21.56 17.89
CA ASP A 100 -8.79 -21.56 18.96
C ASP A 100 -8.53 -20.46 20.00
N ARG A 101 -7.33 -19.88 19.99
CA ARG A 101 -6.91 -18.88 20.99
C ARG A 101 -6.75 -17.46 20.43
N ARG A 102 -6.19 -17.35 19.23
CA ARG A 102 -5.95 -16.05 18.60
C ARG A 102 -7.02 -15.75 17.53
N ILE A 103 -7.06 -14.51 17.03
CA ILE A 103 -8.07 -14.07 16.07
C ILE A 103 -7.51 -13.88 14.66
N GLY A 104 -6.27 -13.41 14.56
CA GLY A 104 -5.62 -13.31 13.29
C GLY A 104 -5.53 -11.87 12.83
N THR A 105 -4.93 -11.66 11.65
CA THR A 105 -4.68 -10.32 11.14
C THR A 105 -5.79 -9.81 10.21
N ALA A 106 -5.92 -8.49 10.14
CA ALA A 106 -6.78 -7.84 9.16
C ALA A 106 -6.52 -8.36 7.74
N GLY A 107 -5.26 -8.33 7.31
CA GLY A 107 -4.90 -8.71 5.94
C GLY A 107 -5.34 -10.12 5.59
N TRP A 108 -5.24 -11.01 6.57
CA TRP A 108 -5.76 -12.34 6.45
C TRP A 108 -7.26 -12.33 6.08
N TYR A 109 -8.06 -11.55 6.82
CA TYR A 109 -9.48 -11.52 6.57
C TYR A 109 -9.82 -10.81 5.27
N ASN A 110 -9.10 -9.73 4.95
CA ASN A 110 -9.28 -9.06 3.67
C ASN A 110 -9.15 -10.05 2.50
N ASN A 111 -8.15 -10.94 2.57
CA ASN A 111 -7.86 -11.90 1.51
C ASN A 111 -9.05 -12.84 1.29
N ILE A 112 -9.56 -13.36 2.40
CA ILE A 112 -10.76 -14.21 2.44
C ILE A 112 -11.99 -13.52 1.86
N PHE A 113 -12.35 -12.35 2.40
CA PHE A 113 -13.52 -11.63 1.91
C PHE A 113 -13.43 -11.18 0.46
N PHE A 114 -12.25 -10.78 0.03
CA PHE A 114 -12.06 -10.45 -1.37
C PHE A 114 -12.26 -11.66 -2.28
N LYS A 115 -11.73 -12.82 -1.89
CA LYS A 115 -12.00 -14.07 -2.61
C LYS A 115 -13.51 -14.34 -2.73
N GLU A 116 -14.20 -14.30 -1.58
CA GLU A 116 -15.64 -14.52 -1.49
C GLU A 116 -16.38 -13.67 -2.51
N PHE A 117 -16.15 -12.36 -2.45
CA PHE A 117 -16.84 -11.40 -3.29
C PHE A 117 -16.43 -11.47 -4.73
N ALA A 118 -15.24 -11.99 -4.98
CA ALA A 118 -14.71 -12.10 -6.34
C ALA A 118 -15.22 -13.33 -7.08
N LYS A 119 -15.27 -14.47 -6.38
CA LYS A 119 -15.83 -15.72 -6.89
C LYS A 119 -17.34 -15.62 -7.21
N LYS A 120 -18.04 -14.84 -6.37
CA LYS A 120 -19.47 -14.56 -6.56
C LYS A 120 -19.70 -13.82 -7.87
N LYS A 121 -18.68 -13.10 -8.33
CA LYS A 121 -18.70 -12.48 -9.64
C LYS A 121 -18.02 -13.32 -10.74
N GLY A 122 -17.61 -14.54 -10.40
CA GLY A 122 -16.99 -15.44 -11.38
C GLY A 122 -15.57 -15.10 -11.80
N LEU A 123 -14.91 -14.23 -11.04
CA LEU A 123 -13.51 -13.91 -11.28
C LEU A 123 -12.62 -14.79 -10.43
N VAL A 124 -11.44 -15.08 -10.96
CA VAL A 124 -10.41 -15.83 -10.23
C VAL A 124 -9.67 -14.94 -9.24
N ALA A 125 -9.69 -15.38 -7.98
CA ALA A 125 -8.86 -14.82 -6.94
C ALA A 125 -8.11 -15.99 -6.29
N LYS A 126 -6.82 -16.07 -6.58
CA LYS A 126 -5.94 -17.04 -5.95
C LYS A 126 -5.25 -16.34 -4.78
N ASN A 127 -4.83 -17.12 -3.79
CA ASN A 127 -4.09 -16.57 -2.67
C ASN A 127 -2.91 -17.42 -2.28
N PHE A 128 -1.73 -16.92 -2.59
CA PHE A 128 -0.52 -17.46 -1.98
C PHE A 128 -0.23 -16.64 -0.75
N ILE A 129 -0.30 -17.30 0.39
CA ILE A 129 0.05 -16.68 1.64
C ILE A 129 1.38 -17.35 1.97
N GLU A 130 2.46 -16.67 1.56
CA GLU A 130 3.85 -17.14 1.69
C GLU A 130 4.81 -15.97 1.94
N ASP A 131 6.08 -16.28 2.23
CA ASP A 131 7.17 -15.30 2.19
C ASP A 131 7.57 -15.04 0.74
N ALA A 132 7.17 -13.87 0.22
CA ALA A 132 7.46 -13.43 -1.16
C ALA A 132 8.95 -13.28 -1.49
N PHE A 133 9.79 -13.09 -0.47
CA PHE A 133 11.24 -12.94 -0.67
C PHE A 133 11.95 -14.23 -1.08
N SER A 134 11.42 -15.39 -0.69
CA SER A 134 12.05 -16.69 -1.00
C SER A 134 11.82 -17.19 -2.43
N ASN A 135 12.79 -17.93 -2.96
CA ASN A 135 12.71 -18.49 -4.32
C ASN A 135 11.66 -19.59 -4.51
N GLU A 136 11.52 -20.45 -3.50
CA GLU A 136 10.49 -21.50 -3.51
C GLU A 136 9.05 -20.95 -3.48
N THR A 137 8.91 -19.65 -3.19
CA THR A 137 7.63 -18.97 -3.32
C THR A 137 7.48 -18.52 -4.76
N LYS A 138 8.47 -17.81 -5.30
CA LYS A 138 8.41 -17.38 -6.69
C LYS A 138 8.11 -18.57 -7.60
N ASP A 139 8.83 -19.67 -7.39
CA ASP A 139 8.62 -20.89 -8.16
C ASP A 139 7.20 -21.46 -8.01
N LYS A 140 6.64 -21.38 -6.80
CA LYS A 140 5.22 -21.68 -6.63
C LYS A 140 4.42 -20.78 -7.56
N VAL A 141 4.68 -19.48 -7.49
CA VAL A 141 3.86 -18.53 -8.25
C VAL A 141 3.98 -18.71 -9.75
N ILE A 142 5.18 -18.59 -10.30
CA ILE A 142 5.36 -18.80 -11.76
C ILE A 142 4.80 -20.17 -12.23
N LYS A 143 5.15 -21.25 -11.54
CA LYS A 143 4.59 -22.58 -11.80
C LYS A 143 3.07 -22.53 -11.96
N TYR A 144 2.41 -21.75 -11.10
CA TYR A 144 0.96 -21.60 -11.11
C TYR A 144 0.47 -20.84 -12.35
N ILE A 145 1.25 -19.86 -12.78
CA ILE A 145 0.91 -18.96 -13.89
C ILE A 145 0.88 -19.66 -15.26
N LYS A 146 2.01 -20.29 -15.63
CA LYS A 146 2.09 -20.99 -16.92
C LYS A 146 1.15 -22.18 -17.00
N ASP A 147 0.97 -22.87 -15.87
CA ASP A 147 0.09 -24.05 -15.77
C ASP A 147 -1.41 -23.78 -15.78
N GLU A 148 -1.87 -22.72 -15.11
CA GLU A 148 -3.31 -22.49 -14.94
C GLU A 148 -3.76 -21.09 -15.32
N PHE A 149 -3.07 -20.08 -14.77
CA PHE A 149 -3.52 -18.69 -14.86
C PHE A 149 -3.46 -18.07 -16.26
N GLY A 150 -2.29 -18.11 -16.89
CA GLY A 150 -2.09 -17.44 -18.19
C GLY A 150 -1.28 -16.15 -18.09
N LYS A 151 -0.77 -15.67 -19.21
CA LYS A 151 0.19 -14.56 -19.19
C LYS A 151 -0.30 -13.31 -18.46
N ILE A 152 0.41 -12.98 -17.38
CA ILE A 152 0.21 -11.76 -16.60
C ILE A 152 0.41 -10.52 -17.46
N ASP A 153 -0.51 -9.56 -17.35
CA ASP A 153 -0.42 -8.32 -18.12
C ASP A 153 -0.12 -7.08 -17.27
N LEU A 154 -0.34 -7.19 -15.96
CA LEU A 154 -0.05 -6.12 -15.02
C LEU A 154 0.46 -6.75 -13.74
N PHE A 155 1.64 -6.33 -13.31
CA PHE A 155 2.30 -6.83 -12.10
C PHE A 155 2.48 -5.66 -11.14
N VAL A 156 1.93 -5.79 -9.94
CA VAL A 156 2.08 -4.72 -8.95
C VAL A 156 2.81 -5.23 -7.73
N TYR A 157 3.89 -4.54 -7.40
CA TYR A 157 4.75 -4.94 -6.28
C TYR A 157 4.66 -3.88 -5.18
N SER A 158 4.11 -4.29 -4.04
CA SER A 158 3.75 -3.33 -3.00
C SER A 158 3.74 -3.96 -1.64
N LEU A 159 4.69 -4.85 -1.37
CA LEU A 159 4.78 -5.39 -0.04
C LEU A 159 5.67 -4.51 0.83
N ALA A 160 5.21 -4.34 2.05
CA ALA A 160 5.90 -3.60 3.08
C ALA A 160 6.12 -4.56 4.23
N ALA A 161 7.35 -5.06 4.32
CA ALA A 161 7.77 -5.92 5.41
C ALA A 161 8.69 -5.15 6.33
N PRO A 162 8.78 -5.58 7.59
CA PRO A 162 9.73 -4.94 8.49
C PRO A 162 11.06 -5.69 8.50
N ARG A 163 11.15 -6.73 7.67
CA ARG A 163 12.29 -7.66 7.66
C ARG A 163 12.26 -8.62 6.48
N ARG A 164 13.44 -9.12 6.11
CA ARG A 164 13.64 -10.00 4.95
C ARG A 164 14.46 -11.23 5.36
N LYS A 165 14.56 -12.21 4.45
CA LYS A 165 15.39 -13.40 4.67
C LYS A 165 16.11 -13.87 3.40
N ASP A 166 17.28 -14.51 3.60
CA ASP A 166 18.16 -15.06 2.54
C ASP A 166 19.09 -13.98 1.99
N THR A 169 22.97 -16.12 2.29
CA THR A 169 21.58 -16.53 2.45
C THR A 169 21.38 -17.27 3.77
N GLY A 170 20.20 -17.11 4.38
CA GLY A 170 19.97 -17.54 5.75
C GLY A 170 20.15 -16.37 6.69
N ASN A 171 20.68 -15.26 6.18
CA ASN A 171 20.77 -14.01 6.94
C ASN A 171 19.40 -13.38 7.07
N VAL A 172 19.24 -12.52 8.08
CA VAL A 172 17.99 -11.79 8.25
C VAL A 172 18.26 -10.30 8.31
N TYR A 173 17.67 -9.55 7.38
CA TYR A 173 17.82 -8.09 7.32
C TYR A 173 16.58 -7.40 7.94
N THR A 174 16.83 -6.34 8.70
CA THR A 174 15.75 -5.61 9.37
C THR A 174 15.68 -4.17 8.84
N SER A 175 14.47 -3.70 8.60
CA SER A 175 14.20 -2.37 8.08
C SER A 175 14.09 -1.41 9.28
N ARG A 176 14.74 -0.25 9.18
CA ARG A 176 14.68 0.77 10.24
C ARG A 176 14.34 2.14 9.66
N ILE A 177 13.50 2.86 10.38
CA ILE A 177 13.14 4.21 10.02
C ILE A 177 14.09 5.13 10.78
N LYS A 178 15.07 5.70 10.07
CA LYS A 178 16.11 6.51 10.71
C LYS A 178 16.58 7.65 9.81
N THR A 179 17.46 8.50 10.33
CA THR A 179 18.15 9.51 9.53
C THR A 179 19.56 9.05 9.13
N ILE A 180 20.29 9.88 8.39
CA ILE A 180 21.67 9.56 8.03
C ILE A 180 22.66 10.56 8.62
N LEU A 181 22.13 11.52 9.37
CA LEU A 181 22.89 12.69 9.79
C LEU A 181 21.96 13.50 10.69
N GLY A 182 22.28 13.49 11.98
CA GLY A 182 21.53 14.30 12.93
C GLY A 182 20.29 13.61 13.43
N ASP A 183 19.26 14.41 13.65
CA ASP A 183 18.04 13.93 14.31
C ASP A 183 16.78 14.39 13.58
N PHE A 184 15.72 13.62 13.71
CA PHE A 184 14.43 14.09 13.28
C PHE A 184 13.47 13.97 14.43
N GLU A 185 13.05 15.11 14.97
CA GLU A 185 11.96 15.10 15.94
C GLU A 185 10.77 15.90 15.51
N GLY A 186 9.62 15.42 15.90
CA GLY A 186 8.37 16.06 15.55
C GLY A 186 7.26 15.31 16.25
N PRO A 187 6.02 15.83 16.13
CA PRO A 187 4.84 15.24 16.75
C PRO A 187 4.40 13.95 16.09
N THR A 188 3.95 13.00 16.92
CA THR A 188 3.23 11.82 16.46
C THR A 188 1.83 11.84 17.11
N ILE A 189 0.89 11.02 16.61
CA ILE A 189 -0.46 11.00 17.17
C ILE A 189 -0.73 9.70 17.90
N ASP A 190 -1.07 9.83 19.18
CA ASP A 190 -1.46 8.70 20.04
C ASP A 190 -3.00 8.55 20.03
N VAL A 191 -3.48 7.76 19.06
CA VAL A 191 -4.92 7.55 18.83
C VAL A 191 -5.64 6.87 20.00
N GLU A 192 -4.90 6.09 20.78
CA GLU A 192 -5.45 5.51 21.99
C GLU A 192 -5.82 6.60 23.00
N ARG A 193 -5.07 7.69 23.01
CA ARG A 193 -5.23 8.73 24.03
C ARG A 193 -5.52 10.11 23.45
N ASP A 194 -5.78 10.15 22.15
CA ASP A 194 -6.15 11.39 21.44
C ASP A 194 -5.26 12.60 21.74
N GLU A 195 -3.97 12.35 21.81
CA GLU A 195 -3.02 13.40 22.13
C GLU A 195 -1.78 13.35 21.24
N ILE A 196 -1.02 14.44 21.29
CA ILE A 196 0.24 14.52 20.59
C ILE A 196 1.34 14.03 21.53
N THR A 197 2.31 13.32 20.97
CA THR A 197 3.55 13.00 21.68
C THR A 197 4.72 13.39 20.79
N LEU A 198 5.69 14.12 21.34
CA LEU A 198 6.89 14.38 20.58
C LEU A 198 7.79 13.15 20.62
N LYS A 199 8.05 12.59 19.44
CA LYS A 199 8.94 11.45 19.32
C LYS A 199 10.16 11.82 18.45
N LYS A 200 11.23 11.06 18.62
CA LYS A 200 12.50 11.38 17.95
C LYS A 200 13.09 10.17 17.24
N VAL A 201 13.80 10.46 16.16
CA VAL A 201 14.46 9.44 15.38
C VAL A 201 15.92 9.83 15.21
N SER A 202 16.82 8.90 15.51
CA SER A 202 18.25 9.19 15.46
C SER A 202 18.91 8.71 14.15
N SER A 203 20.23 8.81 14.09
CA SER A 203 21.00 8.45 12.88
C SER A 203 21.28 6.94 12.78
N ALA A 204 21.26 6.46 11.54
CA ALA A 204 21.48 5.04 11.27
C ALA A 204 22.94 4.71 11.00
N SER A 205 23.35 3.56 11.51
CA SER A 205 24.62 2.95 11.18
C SER A 205 24.63 2.56 9.72
N ILE A 206 25.83 2.36 9.18
CA ILE A 206 26.04 2.05 7.77
C ILE A 206 25.29 0.78 7.36
N GLU A 207 25.31 -0.22 8.23
CA GLU A 207 24.66 -1.50 7.98
C GLU A 207 23.13 -1.44 8.05
N GLU A 208 22.60 -0.60 8.92
CA GLU A 208 21.16 -0.40 8.99
C GLU A 208 20.73 0.25 7.70
N ILE A 209 21.49 1.24 7.26
CA ILE A 209 21.25 1.87 5.96
C ILE A 209 21.23 0.83 4.84
N GLU A 210 21.89 -0.29 5.11
CA GLU A 210 22.11 -1.30 4.11
C GLU A 210 21.05 -2.40 4.23
N GLU A 211 20.75 -2.82 5.45
CA GLU A 211 19.64 -3.75 5.67
C GLU A 211 18.28 -3.15 5.16
N THR A 212 18.07 -1.86 5.40
CA THR A 212 16.85 -1.17 4.98
C THR A 212 16.74 -1.13 3.47
N ARG A 213 17.88 -1.22 2.79
CA ARG A 213 17.89 -1.15 1.32
C ARG A 213 17.51 -2.51 0.72
N LYS A 214 17.98 -3.58 1.35
CA LYS A 214 17.62 -4.94 0.98
C LYS A 214 16.11 -5.18 1.17
N VAL A 215 15.52 -4.56 2.18
CA VAL A 215 14.10 -4.78 2.48
C VAL A 215 13.19 -3.92 1.60
N MET A 216 13.41 -2.61 1.66
CA MET A 216 12.50 -1.59 1.12
C MET A 216 12.90 -1.11 -0.26
N GLY A 217 14.03 -1.59 -0.78
CA GLY A 217 14.49 -1.28 -2.14
C GLY A 217 13.89 -2.20 -3.20
N GLY A 218 14.26 -1.97 -4.45
CA GLY A 218 13.65 -2.69 -5.55
C GLY A 218 14.40 -3.90 -6.05
N GLU A 219 15.06 -4.63 -5.14
CA GLU A 219 15.82 -5.82 -5.54
C GLU A 219 14.94 -7.03 -5.76
N ASP A 220 14.10 -7.33 -4.77
CA ASP A 220 13.20 -8.45 -4.90
C ASP A 220 12.26 -8.20 -6.08
N TRP A 221 11.78 -6.96 -6.20
CA TRP A 221 10.95 -6.55 -7.32
C TRP A 221 11.65 -6.97 -8.59
N GLN A 222 12.85 -6.44 -8.79
CA GLN A 222 13.66 -6.77 -9.95
C GLN A 222 13.74 -8.29 -10.21
N GLU A 223 13.94 -9.08 -9.15
CA GLU A 223 14.08 -10.53 -9.30
C GLU A 223 12.76 -11.23 -9.66
N TRP A 224 11.66 -10.79 -9.05
CA TRP A 224 10.35 -11.21 -9.51
C TRP A 224 10.29 -10.94 -11.01
N CYS A 225 10.32 -9.65 -11.37
CA CYS A 225 10.23 -9.21 -12.77
C CYS A 225 11.00 -10.10 -13.74
N GLU A 226 12.31 -10.25 -13.51
CA GLU A 226 13.17 -11.05 -14.36
C GLU A 226 12.70 -12.49 -14.51
N GLU A 227 12.47 -13.17 -13.39
CA GLU A 227 11.97 -14.53 -13.42
C GLU A 227 10.61 -14.68 -14.12
N LEU A 228 9.75 -13.67 -14.02
CA LEU A 228 8.48 -13.67 -14.73
C LEU A 228 8.70 -13.49 -16.22
N LEU A 229 9.66 -12.65 -16.58
CA LEU A 229 9.95 -12.37 -17.98
C LEU A 229 10.46 -13.64 -18.65
N TYR A 230 11.60 -14.14 -18.18
CA TYR A 230 12.29 -15.23 -18.88
C TYR A 230 11.57 -16.57 -18.86
N GLU A 231 10.84 -16.85 -17.78
CA GLU A 231 9.92 -18.00 -17.75
C GLU A 231 8.62 -17.71 -18.53
N ASP A 232 8.63 -16.62 -19.31
CA ASP A 232 7.58 -16.29 -20.31
C ASP A 232 6.16 -16.04 -19.74
N CYS A 233 6.08 -15.18 -18.72
CA CYS A 233 4.81 -14.89 -18.02
C CYS A 233 4.27 -13.48 -18.22
N PHE A 234 4.96 -12.65 -18.96
CA PHE A 234 4.42 -11.34 -19.23
C PHE A 234 3.76 -11.33 -20.59
N SER A 235 2.48 -10.99 -20.63
CA SER A 235 1.82 -10.66 -21.90
C SER A 235 2.63 -9.56 -22.60
N ASP A 236 2.49 -9.43 -23.91
CA ASP A 236 3.23 -8.40 -24.62
C ASP A 236 2.73 -7.02 -24.20
N LYS A 237 3.64 -6.05 -24.19
CA LYS A 237 3.39 -4.68 -23.68
C LYS A 237 2.92 -4.66 -22.20
N ALA A 238 3.28 -5.69 -21.43
CA ALA A 238 2.82 -5.80 -20.04
C ALA A 238 3.41 -4.75 -19.08
N THR A 239 2.76 -4.54 -17.93
CA THR A 239 3.10 -3.43 -17.07
C THR A 239 3.37 -3.82 -15.62
N THR A 240 4.35 -3.15 -15.02
CA THR A 240 4.63 -3.38 -13.62
C THR A 240 4.94 -2.08 -12.86
N ILE A 241 4.29 -1.92 -11.71
CA ILE A 241 4.51 -0.77 -10.84
C ILE A 241 5.02 -1.20 -9.48
N ALA A 242 5.71 -0.27 -8.83
CA ALA A 242 5.96 -0.31 -7.39
C ALA A 242 5.57 1.04 -6.82
N TYR A 243 5.35 1.09 -5.51
CA TYR A 243 4.77 2.29 -4.87
C TYR A 243 5.72 2.99 -3.92
N SER A 244 5.63 4.30 -3.86
CA SER A 244 6.53 5.03 -3.00
C SER A 244 5.77 6.13 -2.29
N TYR A 245 6.54 7.08 -1.74
CA TYR A 245 6.04 8.32 -1.18
C TYR A 245 7.20 9.33 -1.18
N ILE A 246 6.90 10.59 -1.46
CA ILE A 246 7.92 11.63 -1.49
C ILE A 246 7.71 12.66 -0.37
N GLY A 247 6.47 13.10 -0.21
CA GLY A 247 6.12 14.00 0.88
C GLY A 247 6.44 15.43 0.55
N SER A 248 6.34 16.27 1.57
CA SER A 248 6.78 17.66 1.47
C SER A 248 8.19 17.78 2.11
N PRO A 249 8.89 18.94 1.90
CA PRO A 249 10.22 19.18 2.46
C PRO A 249 10.33 18.85 3.95
N ARG A 250 9.29 19.19 4.70
CA ARG A 250 9.20 18.93 6.13
C ARG A 250 9.63 17.52 6.55
N THR A 251 9.44 16.55 5.66
CA THR A 251 9.75 15.15 5.96
C THR A 251 10.90 14.55 5.13
N TYR A 252 11.54 15.39 4.29
CA TYR A 252 12.66 14.94 3.42
C TYR A 252 13.79 14.25 4.20
N LYS A 253 14.09 14.74 5.40
CA LYS A 253 15.09 14.10 6.26
C LYS A 253 14.87 12.59 6.44
N ILE A 254 13.59 12.20 6.42
CA ILE A 254 13.13 10.82 6.57
C ILE A 254 12.94 10.12 5.22
N TYR A 255 12.21 10.78 4.31
CA TYR A 255 11.67 10.15 3.11
C TYR A 255 12.49 10.31 1.82
N ARG A 256 13.42 11.27 1.79
CA ARG A 256 14.30 11.44 0.65
C ARG A 256 15.76 11.30 1.05
N GLU A 257 16.03 11.52 2.34
CA GLU A 257 17.41 11.58 2.81
C GLU A 257 17.70 10.39 3.71
N GLY A 258 16.72 9.98 4.50
CA GLY A 258 16.95 8.91 5.47
C GLY A 258 17.08 7.52 4.87
N THR A 259 16.97 6.51 5.73
CA THR A 259 16.97 5.12 5.32
C THR A 259 15.77 4.73 4.45
N ILE A 260 14.67 5.46 4.57
CA ILE A 260 13.55 5.21 3.68
C ILE A 260 13.81 5.86 2.33
N GLY A 261 14.35 7.07 2.35
CA GLY A 261 14.67 7.76 1.10
C GLY A 261 15.72 7.05 0.27
N ILE A 262 16.71 6.46 0.93
CA ILE A 262 17.75 5.72 0.25
C ILE A 262 17.18 4.42 -0.31
N ALA A 263 16.26 3.79 0.43
CA ALA A 263 15.56 2.60 -0.06
C ALA A 263 14.67 2.93 -1.25
N LYS A 264 14.03 4.08 -1.22
CA LYS A 264 13.13 4.45 -2.30
C LYS A 264 13.87 4.98 -3.53
N LYS A 265 15.03 5.60 -3.34
CA LYS A 265 15.84 6.04 -4.46
C LYS A 265 16.46 4.85 -5.19
N ASP A 266 16.74 3.78 -4.43
CA ASP A 266 17.16 2.50 -4.99
C ASP A 266 16.02 1.86 -5.79
N LEU A 267 14.83 1.82 -5.20
CA LEU A 267 13.63 1.36 -5.88
C LEU A 267 13.44 2.14 -7.17
N GLU A 268 13.46 3.46 -7.07
CA GLU A 268 13.30 4.33 -8.23
C GLU A 268 14.33 4.01 -9.32
N ASP A 269 15.53 3.60 -8.88
CA ASP A 269 16.63 3.32 -9.82
C ASP A 269 16.38 2.02 -10.56
N LYS A 270 15.91 1.02 -9.84
CA LYS A 270 15.52 -0.27 -10.43
C LYS A 270 14.37 -0.13 -11.41
N ALA A 271 13.51 0.86 -11.21
CA ALA A 271 12.41 1.12 -12.12
C ALA A 271 12.96 1.31 -13.53
N LYS A 272 13.97 2.16 -13.65
CA LYS A 272 14.62 2.41 -14.94
C LYS A 272 15.20 1.13 -15.57
N LEU A 273 15.89 0.32 -14.75
CA LEU A 273 16.60 -0.88 -15.19
C LEU A 273 15.65 -1.99 -15.58
N ILE A 274 14.38 -1.81 -15.28
CA ILE A 274 13.35 -2.77 -15.67
C ILE A 274 12.53 -2.20 -16.83
N ASN A 275 12.26 -0.89 -16.79
CA ASN A 275 11.59 -0.18 -17.89
C ASN A 275 12.33 -0.49 -19.18
N GLU A 276 13.65 -0.35 -19.12
CA GLU A 276 14.54 -0.65 -20.22
C GLU A 276 14.44 -2.11 -20.68
N LYS A 277 14.52 -3.05 -19.76
CA LYS A 277 14.45 -4.46 -20.13
C LYS A 277 13.13 -4.83 -20.82
N LEU A 278 12.02 -4.78 -20.08
CA LEU A 278 10.71 -5.22 -20.58
C LEU A 278 10.30 -4.46 -21.83
N ASN A 279 10.90 -3.30 -22.05
CA ASN A 279 10.70 -2.57 -23.29
C ASN A 279 11.40 -3.24 -24.46
N ARG A 280 12.55 -3.85 -24.21
CA ARG A 280 13.27 -4.57 -25.26
C ARG A 280 12.58 -5.91 -25.48
N VAL A 281 12.77 -6.84 -24.55
CA VAL A 281 12.24 -8.21 -24.67
C VAL A 281 10.75 -8.29 -25.07
N ILE A 282 9.86 -7.61 -24.35
CA ILE A 282 8.42 -7.71 -24.62
C ILE A 282 7.68 -6.38 -24.87
N GLY A 283 8.41 -5.29 -25.07
CA GLY A 283 7.80 -4.00 -25.41
C GLY A 283 6.93 -3.38 -24.33
N GLY A 284 7.17 -3.76 -23.06
CA GLY A 284 6.38 -3.22 -21.96
C GLY A 284 7.03 -2.02 -21.31
N ARG A 285 6.56 -1.69 -20.10
CA ARG A 285 7.18 -0.63 -19.29
C ARG A 285 7.19 -0.95 -17.80
N ALA A 286 8.17 -0.41 -17.08
CA ALA A 286 8.17 -0.44 -15.61
C ALA A 286 8.33 0.99 -15.07
N PHE A 287 7.69 1.26 -13.94
CA PHE A 287 7.82 2.56 -13.28
C PHE A 287 7.34 2.59 -11.84
N VAL A 288 7.72 3.65 -11.14
CA VAL A 288 7.33 3.86 -9.77
C VAL A 288 6.19 4.89 -9.74
N SER A 289 5.16 4.58 -8.96
CA SER A 289 4.08 5.53 -8.69
C SER A 289 4.24 6.12 -7.30
N VAL A 290 4.31 7.44 -7.24
CA VAL A 290 4.49 8.14 -5.98
C VAL A 290 3.13 8.49 -5.43
N ASN A 291 2.66 7.71 -4.47
CA ASN A 291 1.32 7.90 -3.92
C ASN A 291 1.29 9.08 -2.98
N LYS A 292 0.12 9.34 -2.40
CA LYS A 292 -0.03 10.47 -1.49
C LYS A 292 0.07 10.00 -0.03
N ALA A 293 0.03 10.97 0.89
CA ALA A 293 0.05 10.70 2.32
C ALA A 293 -1.20 9.98 2.77
N LEU A 294 -1.04 8.78 3.29
CA LEU A 294 -2.16 8.05 3.86
C LEU A 294 -1.80 7.52 5.26
N VAL A 295 -2.84 7.30 6.05
CA VAL A 295 -2.77 6.84 7.45
C VAL A 295 -2.45 5.36 7.52
N THR A 296 -1.21 4.99 7.83
CA THR A 296 -0.88 3.57 8.09
C THR A 296 -0.76 3.29 9.59
N LYS A 297 -0.48 2.05 9.97
CA LYS A 297 0.00 1.75 11.32
C LYS A 297 1.46 2.12 11.37
N ALA A 298 2.18 1.70 10.33
CA ALA A 298 3.63 1.91 10.23
C ALA A 298 4.01 3.40 10.11
N SER A 299 3.11 4.20 9.56
CA SER A 299 3.33 5.64 9.48
C SER A 299 2.91 6.35 10.78
N ALA A 300 2.46 5.59 11.78
CA ALA A 300 1.87 6.19 12.97
C ALA A 300 2.89 6.70 13.97
N TYR A 301 4.13 6.19 13.89
CA TYR A 301 5.16 6.61 14.86
C TYR A 301 6.47 7.11 14.27
N ILE A 302 6.35 7.60 13.05
CA ILE A 302 7.35 8.47 12.44
C ILE A 302 7.02 9.91 12.89
N PRO A 303 8.04 10.68 13.28
CA PRO A 303 7.76 12.04 13.74
C PRO A 303 7.21 12.93 12.61
N THR A 304 6.42 13.92 12.97
CA THR A 304 5.95 14.96 12.03
C THR A 304 4.99 14.51 10.90
N PHE A 305 4.87 13.18 10.67
CA PHE A 305 4.04 12.78 9.52
C PHE A 305 2.55 12.58 9.89
N PRO A 306 2.25 11.82 10.96
CA PRO A 306 0.87 11.78 11.44
C PRO A 306 0.20 13.16 11.49
N LEU A 307 0.89 14.17 11.99
CA LEU A 307 0.27 15.48 12.13
C LEU A 307 0.13 16.23 10.81
N TYR A 308 1.17 16.16 9.99
CA TYR A 308 1.09 16.68 8.62
C TYR A 308 -0.09 16.05 7.86
N ALA A 309 -0.24 14.74 7.96
CA ALA A 309 -1.30 14.07 7.22
C ALA A 309 -2.69 14.47 7.74
N ALA A 310 -2.81 14.69 9.05
CA ALA A 310 -4.10 15.04 9.63
C ALA A 310 -4.48 16.45 9.20
N ILE A 311 -3.49 17.34 9.20
CA ILE A 311 -3.70 18.67 8.68
C ILE A 311 -4.09 18.54 7.21
N LEU A 312 -3.26 17.86 6.41
CA LEU A 312 -3.49 17.69 4.98
C LEU A 312 -4.89 17.19 4.70
N TYR A 313 -5.33 16.18 5.46
CA TYR A 313 -6.69 15.67 5.34
C TYR A 313 -7.74 16.76 5.46
N LYS A 314 -7.54 17.70 6.38
CA LYS A 314 -8.50 18.78 6.55
C LYS A 314 -8.43 19.61 5.30
N VAL A 315 -7.27 20.21 5.08
CA VAL A 315 -7.02 21.04 3.91
C VAL A 315 -7.70 20.44 2.67
N MET A 316 -7.29 19.23 2.31
CA MET A 316 -7.77 18.57 1.11
C MET A 316 -9.25 18.19 1.11
N LYS A 317 -9.88 18.16 2.28
CA LYS A 317 -11.32 17.93 2.35
C LYS A 317 -12.11 19.21 2.07
N GLU A 318 -11.64 20.33 2.61
CA GLU A 318 -12.22 21.66 2.34
C GLU A 318 -11.80 22.19 0.97
N LYS A 319 -11.40 21.28 0.09
CA LYS A 319 -11.18 21.58 -1.32
C LYS A 319 -11.71 20.44 -2.20
N ASN A 320 -12.52 19.56 -1.59
CA ASN A 320 -12.98 18.32 -2.24
C ASN A 320 -11.94 17.75 -3.18
N ILE A 321 -10.79 17.40 -2.61
CA ILE A 321 -9.71 16.74 -3.32
C ILE A 321 -9.00 15.74 -2.40
N HIS A 322 -9.50 15.57 -1.18
CA HIS A 322 -9.05 14.46 -0.37
C HIS A 322 -9.34 13.15 -1.07
N GLU A 323 -8.35 12.27 -1.09
CA GLU A 323 -8.55 10.91 -1.57
C GLU A 323 -8.07 9.92 -0.52
N ASN A 324 -8.69 8.75 -0.46
CA ASN A 324 -8.15 7.69 0.37
C ASN A 324 -7.43 6.67 -0.51
N CYS A 325 -7.11 5.51 0.04
CA CYS A 325 -6.37 4.50 -0.71
C CYS A 325 -7.07 4.02 -1.99
N ILE A 326 -8.37 3.71 -1.91
CA ILE A 326 -9.12 3.23 -3.07
C ILE A 326 -9.47 4.29 -4.11
N MET A 327 -9.53 5.56 -3.70
CA MET A 327 -9.81 6.64 -4.64
C MET A 327 -8.51 6.95 -5.36
N GLN A 328 -7.43 6.81 -4.62
CA GLN A 328 -6.09 7.04 -5.14
C GLN A 328 -5.76 6.10 -6.31
N ILE A 329 -6.12 4.84 -6.13
CA ILE A 329 -5.80 3.82 -7.11
C ILE A 329 -6.77 3.91 -8.28
N GLU A 330 -8.08 3.99 -7.97
CA GLU A 330 -9.09 4.19 -9.01
C GLU A 330 -8.66 5.31 -9.95
N ARG A 331 -8.36 6.49 -9.39
CA ARG A 331 -7.92 7.63 -10.19
C ARG A 331 -6.64 7.35 -11.01
N MET A 332 -5.72 6.59 -10.41
CA MET A 332 -4.45 6.28 -11.03
C MET A 332 -4.65 5.47 -12.30
N PHE A 333 -5.59 4.55 -12.26
CA PHE A 333 -5.84 3.67 -13.40
C PHE A 333 -6.71 4.36 -14.47
N SER A 334 -7.88 4.82 -14.07
CA SER A 334 -8.85 5.34 -15.02
C SER A 334 -8.49 6.72 -15.54
N GLU A 335 -7.41 7.32 -15.05
CA GLU A 335 -7.04 8.63 -15.57
C GLU A 335 -5.63 8.75 -16.07
N LYS A 336 -4.71 7.96 -15.53
CA LYS A 336 -3.30 8.18 -15.84
C LYS A 336 -2.60 6.99 -16.48
N ILE A 337 -2.85 5.78 -15.96
CA ILE A 337 -2.24 4.58 -16.55
C ILE A 337 -3.04 4.07 -17.75
N TYR A 338 -4.31 3.71 -17.53
CA TYR A 338 -5.17 3.10 -18.55
C TYR A 338 -6.31 3.99 -19.09
N SER A 339 -5.99 5.21 -19.50
CA SER A 339 -7.00 6.14 -20.02
C SER A 339 -6.90 6.30 -21.53
N ASN A 340 -7.67 7.25 -22.05
CA ASN A 340 -7.63 7.61 -23.45
C ASN A 340 -6.34 8.37 -23.79
N GLU A 341 -5.96 9.29 -22.90
CA GLU A 341 -4.78 10.13 -23.10
C GLU A 341 -3.46 9.37 -22.88
N LYS A 342 -2.36 10.03 -23.25
CA LYS A 342 -1.03 9.46 -23.05
C LYS A 342 -0.54 9.72 -21.64
N ILE A 343 0.30 8.80 -21.16
CA ILE A 343 0.77 8.77 -19.78
C ILE A 343 1.77 9.90 -19.46
N GLN A 344 1.44 10.71 -18.46
CA GLN A 344 2.26 11.85 -18.09
C GLN A 344 3.20 11.52 -16.92
N PHE A 345 4.50 11.41 -17.22
CA PHE A 345 5.52 11.16 -16.19
C PHE A 345 6.17 12.45 -15.70
N ASP A 346 6.68 12.41 -14.47
CA ASP A 346 7.48 13.53 -13.97
C ASP A 346 8.80 13.59 -14.72
N ASP A 347 9.59 14.62 -14.45
CA ASP A 347 10.90 14.78 -15.03
C ASP A 347 11.90 13.77 -14.48
N LYS A 348 11.43 12.56 -14.15
CA LYS A 348 12.28 11.56 -13.51
C LYS A 348 11.88 10.13 -13.80
N GLY A 349 10.80 9.95 -14.55
CA GLY A 349 10.29 8.62 -14.88
C GLY A 349 9.42 8.05 -13.78
N ARG A 350 8.75 8.93 -13.06
CA ARG A 350 7.91 8.55 -11.93
C ARG A 350 6.54 9.13 -12.11
N LEU A 351 5.53 8.31 -11.85
CA LEU A 351 4.17 8.74 -11.90
C LEU A 351 3.81 9.37 -10.56
N ARG A 352 3.34 10.62 -10.60
CA ARG A 352 3.09 11.36 -9.37
C ARG A 352 1.61 11.44 -9.02
N MET A 353 1.14 10.54 -8.16
CA MET A 353 -0.22 10.55 -7.63
C MET A 353 -0.36 11.41 -6.37
N ASP A 354 0.75 12.02 -5.96
CA ASP A 354 0.77 13.02 -4.88
C ASP A 354 0.64 14.41 -5.49
N ASP A 355 0.25 14.47 -6.76
CA ASP A 355 0.10 15.72 -7.51
C ASP A 355 -0.83 16.72 -6.80
N LEU A 356 -1.94 16.22 -6.25
CA LEU A 356 -2.90 17.07 -5.54
C LEU A 356 -2.41 17.47 -4.16
N GLU A 357 -1.72 16.56 -3.48
CA GLU A 357 -1.07 16.82 -2.19
C GLU A 357 -0.01 17.94 -2.23
N LEU A 358 0.77 17.97 -3.30
CA LEU A 358 1.90 18.90 -3.41
C LEU A 358 1.59 20.19 -4.18
N ARG A 359 0.31 20.40 -4.49
CA ARG A 359 -0.13 21.62 -5.16
C ARG A 359 0.21 22.83 -4.27
N LYS A 360 0.59 23.94 -4.89
CA LYS A 360 1.06 25.12 -4.14
C LYS A 360 0.07 25.60 -3.05
N ASP A 361 -1.19 25.82 -3.41
CA ASP A 361 -2.20 26.30 -2.44
C ASP A 361 -2.31 25.41 -1.21
N VAL A 362 -2.16 24.10 -1.44
CA VAL A 362 -2.40 23.08 -0.42
C VAL A 362 -1.26 23.09 0.59
N GLN A 363 -0.04 23.01 0.09
CA GLN A 363 1.13 23.05 0.95
C GLN A 363 1.14 24.32 1.81
N ASP A 364 0.92 25.49 1.20
CA ASP A 364 0.82 26.74 1.97
C ASP A 364 -0.13 26.62 3.15
N GLU A 365 -1.32 26.09 2.90
CA GLU A 365 -2.37 26.04 3.90
C GLU A 365 -1.94 25.14 5.07
N VAL A 366 -1.27 24.03 4.77
CA VAL A 366 -0.67 23.15 5.78
C VAL A 366 0.36 23.92 6.62
N ASP A 367 1.23 24.64 5.92
CA ASP A 367 2.25 25.48 6.55
C ASP A 367 1.60 26.63 7.31
N ARG A 368 0.39 27.00 6.90
CA ARG A 368 -0.36 28.04 7.58
C ARG A 368 -0.86 27.47 8.89
N ILE A 369 -1.62 26.38 8.80
CA ILE A 369 -2.16 25.67 9.97
C ILE A 369 -1.04 25.17 10.91
N TRP A 370 0.02 24.59 10.34
CA TRP A 370 1.11 24.04 11.16
C TRP A 370 1.52 24.99 12.29
N SER A 371 1.88 26.21 11.90
CA SER A 371 2.32 27.27 12.83
C SER A 371 1.30 27.70 13.89
N ASN A 372 0.09 27.14 13.84
CA ASN A 372 -0.93 27.44 14.85
C ASN A 372 -1.30 26.23 15.67
N ILE A 373 -0.88 25.06 15.21
CA ILE A 373 -1.23 23.83 15.93
C ILE A 373 -0.59 23.81 17.31
N THR A 374 -1.34 23.35 18.31
CA THR A 374 -0.82 23.09 19.65
C THR A 374 -1.31 21.73 20.18
N PRO A 375 -0.59 21.13 21.14
CA PRO A 375 -1.08 19.87 21.73
C PRO A 375 -2.50 20.00 22.30
N GLU A 376 -2.96 21.24 22.38
CA GLU A 376 -4.18 21.60 23.07
C GLU A 376 -5.33 21.81 22.10
N ASN A 377 -5.01 22.18 20.85
CA ASN A 377 -6.04 22.52 19.89
C ASN A 377 -5.98 21.68 18.62
N PHE A 378 -5.07 20.71 18.56
CA PHE A 378 -4.80 20.03 17.28
C PHE A 378 -6.02 19.31 16.73
N LYS A 379 -6.85 18.80 17.64
CA LYS A 379 -8.02 17.99 17.32
C LYS A 379 -9.02 18.74 16.50
N GLU A 380 -8.91 20.07 16.46
CA GLU A 380 -9.89 20.96 15.80
C GLU A 380 -9.28 21.76 14.66
N LEU A 381 -7.96 21.69 14.52
CA LEU A 381 -7.31 22.41 13.44
C LEU A 381 -6.84 21.45 12.36
N SER A 382 -6.75 20.18 12.73
CA SER A 382 -6.53 19.11 11.79
C SER A 382 -7.75 18.15 11.75
N ASP A 383 -7.87 17.41 10.64
CA ASP A 383 -8.94 16.44 10.53
C ASP A 383 -8.57 15.20 11.33
N TYR A 384 -8.44 15.37 12.65
CA TYR A 384 -8.06 14.27 13.52
C TYR A 384 -9.07 13.15 13.46
N LYS A 385 -10.35 13.53 13.52
CA LYS A 385 -11.50 12.64 13.44
C LYS A 385 -11.32 11.67 12.27
N GLY A 386 -11.20 12.26 11.08
CA GLY A 386 -11.01 11.52 9.85
C GLY A 386 -9.73 10.71 9.87
N TYR A 387 -8.68 11.30 10.43
CA TYR A 387 -7.41 10.60 10.54
C TYR A 387 -7.61 9.34 11.38
N LYS A 388 -8.35 9.47 12.49
CA LYS A 388 -8.54 8.36 13.41
C LYS A 388 -9.52 7.36 12.85
N LYS A 389 -10.61 7.86 12.27
CA LYS A 389 -11.62 7.01 11.62
C LYS A 389 -10.94 6.10 10.61
N GLU A 390 -10.06 6.67 9.80
CA GLU A 390 -9.38 5.88 8.79
C GLU A 390 -8.43 4.83 9.39
N PHE A 391 -7.85 5.14 10.55
CA PHE A 391 -7.05 4.16 11.27
C PHE A 391 -7.90 2.95 11.68
N MET A 392 -9.01 3.19 12.36
CA MET A 392 -9.85 2.08 12.88
C MET A 392 -10.43 1.23 11.75
N ASN A 393 -10.80 1.91 10.65
CA ASN A 393 -11.34 1.26 9.45
C ASN A 393 -10.41 0.25 8.79
N LEU A 394 -9.11 0.55 8.70
CA LEU A 394 -8.13 -0.45 8.23
C LEU A 394 -8.33 -1.75 8.96
N ASN A 395 -8.59 -1.65 10.25
CA ASN A 395 -8.72 -2.79 11.14
C ASN A 395 -10.14 -3.26 11.34
N GLY A 396 -11.08 -2.55 10.75
CA GLY A 396 -12.46 -3.01 10.78
C GLY A 396 -13.28 -2.40 11.90
N PHE A 397 -12.72 -1.40 12.57
CA PHE A 397 -13.46 -0.71 13.62
C PHE A 397 -14.11 0.57 13.13
N ASP A 398 -15.10 1.02 13.91
CA ASP A 398 -15.79 2.28 13.68
C ASP A 398 -16.26 2.41 12.22
N LEU A 399 -17.16 1.51 11.83
CA LEU A 399 -17.67 1.53 10.48
C LEU A 399 -19.20 1.50 10.53
N ASP A 400 -19.85 2.44 9.86
CA ASP A 400 -21.29 2.34 9.64
C ASP A 400 -21.54 1.08 8.80
N GLY A 401 -22.47 0.25 9.25
CA GLY A 401 -22.85 -0.98 8.55
C GLY A 401 -22.55 -2.26 9.31
N VAL A 402 -22.04 -2.12 10.53
CA VAL A 402 -21.55 -3.26 11.32
C VAL A 402 -22.14 -3.21 12.73
N ASP A 403 -22.44 -4.38 13.30
CA ASP A 403 -22.97 -4.44 14.67
C ASP A 403 -21.88 -4.80 15.70
N TYR A 404 -21.29 -3.78 16.31
CA TYR A 404 -20.14 -4.02 17.19
C TYR A 404 -20.48 -4.69 18.54
N SER A 405 -21.55 -4.22 19.19
CA SER A 405 -21.99 -4.86 20.43
C SER A 405 -22.25 -6.36 20.27
N LYS A 406 -22.44 -6.82 19.03
CA LYS A 406 -22.63 -8.25 18.75
C LYS A 406 -21.38 -9.10 19.10
N ASP A 407 -21.59 -10.39 19.36
CA ASP A 407 -20.48 -11.30 19.67
C ASP A 407 -20.13 -12.20 18.50
N LEU A 408 -18.88 -12.68 18.49
CA LEU A 408 -18.40 -13.50 17.39
C LEU A 408 -18.15 -14.95 17.80
N ASP A 409 -18.07 -15.83 16.78
CA ASP A 409 -17.85 -17.25 16.98
C ASP A 409 -16.50 -17.64 16.41
N ILE A 410 -15.63 -18.15 17.28
CA ILE A 410 -14.26 -18.47 16.88
C ILE A 410 -14.17 -19.65 15.91
N GLU A 411 -15.13 -20.56 15.98
CA GLU A 411 -15.11 -21.76 15.13
C GLU A 411 -15.59 -21.42 13.74
N LEU A 412 -16.28 -20.29 13.62
CA LEU A 412 -16.78 -19.78 12.33
C LEU A 412 -15.68 -19.12 11.49
N LEU A 413 -14.74 -18.44 12.17
CA LEU A 413 -13.63 -17.72 11.52
C LEU A 413 -12.47 -18.63 11.08
N ARG A 414 -12.27 -19.71 11.83
CA ARG A 414 -11.22 -20.67 11.53
C ARG A 414 -11.55 -21.55 10.32
N LYS A 415 -12.82 -21.89 10.16
CA LYS A 415 -13.24 -22.70 9.03
C LYS A 415 -13.12 -21.91 7.73
N LEU A 416 -13.15 -20.57 7.85
CA LEU A 416 -12.95 -19.67 6.72
C LEU A 416 -11.53 -19.81 6.19
N GLU A 417 -11.41 -20.06 4.89
CA GLU A 417 -10.13 -20.37 4.26
C GLU A 417 -9.87 -19.54 3.00
N PRO A 418 -8.58 -19.30 2.67
CA PRO A 418 -8.23 -18.66 1.41
C PRO A 418 -7.74 -19.67 0.38
PA NAD B . 0.64 -2.24 3.95
O1A NAD B . -0.74 -2.13 4.24
O2A NAD B . 1.56 -2.34 5.05
O5B NAD B . 0.87 -3.45 3.02
C5B NAD B . 1.81 -4.51 3.28
C4B NAD B . 1.63 -5.77 2.39
O4B NAD B . 2.82 -6.50 2.45
C3B NAD B . 0.72 -6.74 2.97
O3B NAD B . 0.23 -7.38 1.92
C2B NAD B . 1.63 -7.72 3.56
O2B NAD B . 1.02 -8.92 3.60
C1B NAD B . 2.52 -7.80 2.49
N9A NAD B . 3.71 -8.46 2.95
C8A NAD B . 4.38 -8.06 4.11
N7A NAD B . 5.46 -8.97 4.20
C5A NAD B . 5.36 -9.82 3.22
C6A NAD B . 6.15 -10.82 2.88
N6A NAD B . 7.18 -11.03 3.65
N1A NAD B . 5.91 -11.60 1.87
C2A NAD B . 4.83 -11.36 1.11
N3A NAD B . 4.05 -10.28 1.42
C4A NAD B . 4.32 -9.52 2.47
O3 NAD B . 1.17 -1.04 3.09
PN NAD B . 0.48 0.03 2.25
O1N NAD B . -0.24 0.92 3.08
O2N NAD B . -0.05 -0.54 1.07
O5D NAD B . 1.56 0.80 1.61
C5D NAD B . 2.17 0.14 0.49
C4D NAD B . 3.26 1.00 -0.14
O4D NAD B . 2.89 2.27 0.29
C3D NAD B . 4.51 0.74 0.56
O3D NAD B . 5.39 0.34 -0.43
C2D NAD B . 4.85 2.11 1.22
O2D NAD B . 6.16 2.41 0.97
C1D NAD B . 4.06 3.02 0.39
N1N NAD B . 3.51 4.29 0.96
C2N NAD B . 3.68 4.79 2.28
C3N NAD B . 3.04 6.01 2.57
C7N NAD B . 3.14 6.65 3.77
O7N NAD B . 4.22 6.43 4.54
N7N NAD B . 2.24 7.58 3.91
C4N NAD B . 2.25 6.70 1.63
C5N NAD B . 2.09 6.25 0.36
C6N NAD B . 2.72 5.05 0.07
NA NA C . 0.12 -3.10 -0.20
#